data_3KNQ
#
_entry.id   3KNQ
#
_cell.length_a   56.513
_cell.length_b   86.974
_cell.length_c   96.290
_cell.angle_alpha   90.00
_cell.angle_beta   90.00
_cell.angle_gamma   90.00
#
_symmetry.space_group_name_H-M   'P 21 21 21'
#
loop_
_entity.id
_entity.type
_entity.pdbx_description
1 polymer 'Attachment protein G3P'
2 water water
#
_entity_poly.entity_id   1
_entity_poly.type   'polypeptide(L)'
_entity_poly.pdbx_seq_one_letter_code
;MAETVESLAKSHIEGSFTNVWKDDKTLDWYANYEGILWKATGVVVITGDETQVYAIWVPVGLAIPENEGGGSEGGGSEGG
GSEGGGTKPPEYGDTPIPGYIYINPLDGTYPPGTEQNPANPNPSLEESHPLNTFMFQGNRFRNVNGVLTVYTGTVTVNGK
TYYQYTPVSSKAMYDAYWNGKFRDVAFHSGFNEDPLVAEYQGQLSYLPQPPVNAPSGHHHHHH
;
_entity_poly.pdbx_strand_id   A,B
#
# COMPACT_ATOMS: atom_id res chain seq x y z
N VAL A 5 18.55 -18.34 -20.89
CA VAL A 5 18.14 -18.07 -19.51
C VAL A 5 17.90 -16.57 -19.19
N GLU A 6 18.31 -15.64 -20.10
CA GLU A 6 18.12 -14.19 -19.96
C GLU A 6 16.65 -13.78 -20.23
N SER A 7 15.71 -14.54 -19.64
CA SER A 7 14.27 -14.38 -19.78
C SER A 7 13.63 -13.49 -18.69
N LEU A 8 14.46 -12.69 -17.94
CA LEU A 8 14.00 -11.81 -16.85
C LEU A 8 13.16 -10.58 -17.24
N ALA A 9 12.67 -10.53 -18.51
CA ALA A 9 11.76 -9.51 -19.01
C ALA A 9 10.34 -10.10 -18.86
N LYS A 10 10.24 -11.09 -17.95
CA LYS A 10 9.07 -11.89 -17.60
C LYS A 10 7.92 -11.05 -17.06
N SER A 11 6.69 -11.57 -17.28
CA SER A 11 5.46 -10.99 -16.81
C SER A 11 5.47 -11.12 -15.29
N HIS A 12 4.96 -10.11 -14.59
CA HIS A 12 4.87 -10.14 -13.12
C HIS A 12 4.01 -11.30 -12.65
N ILE A 13 4.20 -11.72 -11.38
CA ILE A 13 3.44 -12.81 -10.79
C ILE A 13 2.62 -12.28 -9.63
N GLU A 14 1.30 -12.34 -9.73
CA GLU A 14 0.46 -11.95 -8.62
C GLU A 14 0.09 -13.21 -7.87
N GLY A 15 0.79 -13.49 -6.79
CA GLY A 15 0.55 -14.69 -6.01
C GLY A 15 1.50 -14.84 -4.87
N SER A 16 1.48 -16.01 -4.21
CA SER A 16 2.30 -16.30 -3.04
C SER A 16 3.52 -17.12 -3.41
N PHE A 17 4.64 -16.75 -2.81
CA PHE A 17 5.90 -17.47 -2.92
C PHE A 17 6.37 -17.96 -1.53
N THR A 18 6.80 -19.22 -1.49
CA THR A 18 7.40 -19.89 -0.35
C THR A 18 8.90 -19.80 -0.59
N ASN A 19 9.73 -20.13 0.43
CA ASN A 19 11.21 -20.03 0.37
C ASN A 19 11.72 -18.61 0.08
N VAL A 20 11.02 -17.64 0.65
CA VAL A 20 11.32 -16.21 0.59
C VAL A 20 12.40 -15.83 1.59
N TRP A 21 12.98 -14.66 1.39
CA TRP A 21 13.91 -14.07 2.30
C TRP A 21 13.78 -12.55 2.19
N LYS A 22 14.21 -11.85 3.25
CA LYS A 22 14.22 -10.40 3.26
C LYS A 22 15.66 -9.95 3.16
N ASP A 23 15.92 -8.97 2.28
CA ASP A 23 17.25 -8.38 2.14
C ASP A 23 17.41 -7.49 3.37
N ASP A 24 18.53 -7.65 4.09
CA ASP A 24 18.79 -6.92 5.33
C ASP A 24 19.09 -5.43 5.16
N LYS A 25 19.29 -4.99 3.90
CA LYS A 25 19.59 -3.61 3.56
C LYS A 25 18.39 -2.85 3.08
N THR A 26 17.67 -3.40 2.07
CA THR A 26 16.52 -2.75 1.45
C THR A 26 15.23 -3.06 2.19
N LEU A 27 15.23 -4.19 2.87
CA LEU A 27 14.13 -4.75 3.62
C LEU A 27 12.97 -5.17 2.73
N ASP A 28 13.30 -5.45 1.48
CA ASP A 28 12.39 -6.02 0.52
C ASP A 28 12.39 -7.53 0.61
N TRP A 29 11.30 -8.15 0.25
CA TRP A 29 11.26 -9.58 0.16
C TRP A 29 11.56 -10.15 -1.23
N TYR A 30 12.12 -11.35 -1.27
CA TYR A 30 12.63 -11.95 -2.49
C TYR A 30 12.35 -13.44 -2.56
N ALA A 31 12.38 -14.00 -3.78
CA ALA A 31 12.15 -15.43 -4.02
C ALA A 31 12.66 -15.83 -5.37
N ASN A 32 13.09 -17.11 -5.49
CA ASN A 32 13.59 -17.76 -6.70
C ASN A 32 12.50 -18.63 -7.25
N TYR A 33 12.26 -18.52 -8.56
CA TYR A 33 11.24 -19.28 -9.28
C TYR A 33 11.57 -19.28 -10.75
N GLU A 34 11.48 -20.48 -11.38
CA GLU A 34 11.77 -20.70 -12.80
C GLU A 34 13.14 -20.11 -13.20
N GLY A 35 14.10 -20.20 -12.28
CA GLY A 35 15.46 -19.71 -12.47
C GLY A 35 15.57 -18.20 -12.52
N ILE A 36 14.57 -17.50 -11.96
CA ILE A 36 14.52 -16.03 -11.90
C ILE A 36 14.39 -15.53 -10.45
N LEU A 37 15.00 -14.36 -10.16
CA LEU A 37 14.93 -13.69 -8.88
C LEU A 37 13.81 -12.66 -8.98
N TRP A 38 12.89 -12.70 -8.02
CA TRP A 38 11.72 -11.82 -7.99
C TRP A 38 11.70 -10.93 -6.75
N LYS A 39 11.24 -9.69 -6.92
CA LYS A 39 11.09 -8.71 -5.85
C LYS A 39 9.60 -8.55 -5.55
N ALA A 40 9.23 -8.64 -4.27
CA ALA A 40 7.82 -8.50 -3.86
C ALA A 40 7.42 -7.02 -3.92
N THR A 41 6.47 -6.69 -4.83
CA THR A 41 5.96 -5.31 -4.97
C THR A 41 4.47 -5.24 -4.70
N GLY A 42 3.87 -4.06 -4.86
CA GLY A 42 2.45 -3.85 -4.61
C GLY A 42 2.18 -3.98 -3.14
N VAL A 43 1.01 -4.47 -2.78
CA VAL A 43 0.69 -4.76 -1.36
C VAL A 43 1.34 -6.11 -1.12
N VAL A 44 2.20 -6.17 -0.11
CA VAL A 44 2.99 -7.35 0.23
C VAL A 44 2.40 -7.89 1.52
N VAL A 45 1.94 -9.15 1.49
CA VAL A 45 1.34 -9.86 2.61
C VAL A 45 2.27 -11.00 2.99
N ILE A 46 2.64 -11.11 4.28
CA ILE A 46 3.56 -12.12 4.80
C ILE A 46 2.88 -12.86 5.91
N THR A 47 3.23 -14.18 6.07
CA THR A 47 2.75 -15.04 7.14
C THR A 47 3.49 -14.63 8.40
N GLY A 48 2.90 -14.92 9.54
CA GLY A 48 3.53 -14.67 10.84
C GLY A 48 4.92 -15.25 10.95
N ASP A 49 5.18 -16.43 10.33
CA ASP A 49 6.48 -17.11 10.38
C ASP A 49 7.45 -16.71 9.26
N GLU A 50 6.96 -15.91 8.26
CA GLU A 50 7.71 -15.38 7.11
C GLU A 50 8.14 -16.51 6.16
N THR A 51 7.39 -17.61 6.15
CA THR A 51 7.67 -18.73 5.27
C THR A 51 7.14 -18.41 3.88
N GLN A 52 6.03 -17.64 3.84
CA GLN A 52 5.38 -17.24 2.59
C GLN A 52 5.11 -15.74 2.47
N VAL A 53 5.16 -15.24 1.23
CA VAL A 53 4.90 -13.82 0.91
C VAL A 53 4.01 -13.74 -0.32
N TYR A 54 2.92 -12.98 -0.19
CA TYR A 54 2.00 -12.69 -1.26
C TYR A 54 2.29 -11.26 -1.75
N ALA A 55 2.38 -11.06 -3.07
CA ALA A 55 2.66 -9.74 -3.64
C ALA A 55 2.45 -9.81 -5.15
N ILE A 56 2.86 -8.72 -5.85
CA ILE A 56 2.99 -8.57 -7.29
C ILE A 56 4.51 -8.79 -7.45
N TRP A 57 4.90 -10.02 -7.69
CA TRP A 57 6.31 -10.39 -7.85
C TRP A 57 6.87 -9.89 -9.16
N VAL A 58 7.84 -8.96 -9.09
CA VAL A 58 8.45 -8.40 -10.31
C VAL A 58 9.78 -9.13 -10.56
N PRO A 59 10.10 -9.60 -11.79
CA PRO A 59 11.39 -10.26 -12.00
C PRO A 59 12.54 -9.25 -11.98
N VAL A 60 13.50 -9.40 -11.07
CA VAL A 60 14.62 -8.44 -10.96
C VAL A 60 15.99 -8.95 -11.46
N GLY A 61 16.09 -10.26 -11.71
CA GLY A 61 17.31 -10.91 -12.21
C GLY A 61 17.27 -12.42 -12.20
N LEU A 62 18.44 -13.06 -12.39
CA LEU A 62 18.57 -14.52 -12.37
C LEU A 62 18.59 -15.00 -10.93
N ALA A 63 17.97 -16.16 -10.67
CA ALA A 63 17.86 -16.80 -9.36
C ALA A 63 19.18 -17.07 -8.68
N ILE A 64 19.20 -16.92 -7.35
CA ILE A 64 20.36 -17.19 -6.49
C ILE A 64 19.91 -18.23 -5.43
N PRO A 65 20.38 -19.52 -5.51
CA PRO A 65 19.93 -20.52 -4.54
C PRO A 65 20.56 -20.44 -3.14
N GLU A 66 21.66 -19.67 -3.00
CA GLU A 66 22.38 -19.50 -1.74
C GLU A 66 21.59 -18.71 -0.69
N ASN A 67 20.99 -17.57 -1.13
CA ASN A 67 20.24 -16.57 -0.34
C ASN A 67 18.95 -17.01 0.34
N PRO A 90 6.39 -28.98 4.69
CA PRO A 90 5.31 -28.13 4.17
C PRO A 90 4.41 -28.83 3.13
N GLU A 91 3.09 -28.80 3.40
CA GLU A 91 2.00 -29.34 2.57
C GLU A 91 0.97 -28.20 2.50
N TYR A 92 0.58 -27.78 1.26
CA TYR A 92 -0.29 -26.60 1.06
C TYR A 92 -1.74 -26.86 0.65
N GLY A 93 -2.63 -26.03 1.17
CA GLY A 93 -4.06 -26.10 0.85
C GLY A 93 -4.37 -25.24 -0.36
N ASP A 94 -5.66 -25.03 -0.62
CA ASP A 94 -6.14 -24.22 -1.73
C ASP A 94 -7.01 -23.04 -1.28
N THR A 95 -6.99 -22.75 0.04
CA THR A 95 -7.78 -21.68 0.65
C THR A 95 -6.91 -20.56 1.21
N PRO A 96 -7.41 -19.30 1.29
CA PRO A 96 -6.55 -18.22 1.81
C PRO A 96 -6.08 -18.42 3.24
N ILE A 97 -4.77 -18.20 3.51
CA ILE A 97 -4.20 -18.30 4.86
C ILE A 97 -3.95 -16.92 5.48
N PRO A 98 -4.21 -16.73 6.81
CA PRO A 98 -3.97 -15.41 7.41
C PRO A 98 -2.53 -14.90 7.35
N GLY A 99 -2.40 -13.60 7.33
CA GLY A 99 -1.11 -12.97 7.28
C GLY A 99 -1.22 -11.50 7.62
N TYR A 100 -0.21 -10.75 7.22
CA TYR A 100 -0.12 -9.33 7.55
C TYR A 100 0.40 -8.56 6.42
N ILE A 101 -0.15 -7.38 6.24
CA ILE A 101 0.41 -6.41 5.31
C ILE A 101 1.74 -5.89 5.83
N TYR A 102 2.78 -6.24 5.12
CA TYR A 102 4.12 -5.85 5.41
C TYR A 102 4.35 -4.37 5.12
N ILE A 103 4.95 -3.66 6.05
CA ILE A 103 5.27 -2.26 5.84
C ILE A 103 6.73 -2.17 5.52
N ASN A 104 7.07 -1.98 4.27
CA ASN A 104 8.50 -1.78 3.99
C ASN A 104 8.80 -0.39 4.60
N PRO A 105 9.64 -0.30 5.66
CA PRO A 105 9.84 1.02 6.30
C PRO A 105 10.73 1.98 5.51
N LEU A 106 11.16 1.56 4.32
CA LEU A 106 12.03 2.30 3.41
C LEU A 106 11.33 2.52 2.06
N ASP A 107 9.99 2.71 2.07
CA ASP A 107 9.21 2.83 0.84
C ASP A 107 9.18 4.26 0.18
N GLY A 108 9.60 5.27 0.93
CA GLY A 108 9.65 6.64 0.42
C GLY A 108 8.36 7.42 0.39
N THR A 109 7.28 6.92 1.04
CA THR A 109 5.99 7.61 1.08
C THR A 109 6.01 8.83 2.04
N TYR A 110 6.94 8.85 3.01
CA TYR A 110 7.14 9.92 3.98
C TYR A 110 8.69 10.21 4.00
N PRO A 111 9.25 10.80 2.91
CA PRO A 111 10.70 10.99 2.85
C PRO A 111 11.31 11.88 3.94
N PRO A 112 12.40 11.44 4.60
CA PRO A 112 13.02 12.29 5.61
C PRO A 112 13.76 13.47 4.96
N GLY A 113 14.09 14.48 5.77
CA GLY A 113 14.79 15.69 5.33
C GLY A 113 13.95 16.57 4.40
N THR A 114 12.62 16.50 4.57
CA THR A 114 11.64 17.28 3.80
C THR A 114 10.77 18.12 4.78
N GLU A 115 9.85 18.94 4.23
CA GLU A 115 8.93 19.77 5.02
C GLU A 115 8.00 18.83 5.80
N GLN A 116 7.46 17.79 5.09
CA GLN A 116 6.58 16.71 5.58
C GLN A 116 7.26 15.92 6.70
N ASN A 117 8.47 15.40 6.41
CA ASN A 117 9.27 14.63 7.35
C ASN A 117 10.57 15.37 7.66
N PRO A 118 10.61 16.11 8.78
CA PRO A 118 11.82 16.91 9.10
C PRO A 118 12.99 16.08 9.65
N ALA A 119 12.78 14.76 9.87
CA ALA A 119 13.81 13.83 10.37
C ALA A 119 15.10 13.93 9.58
N ASN A 120 16.26 13.77 10.26
CA ASN A 120 17.54 13.79 9.56
C ASN A 120 17.50 12.64 8.51
N PRO A 121 17.76 12.93 7.23
CA PRO A 121 17.66 11.87 6.20
C PRO A 121 18.89 10.99 6.06
N ASN A 122 19.88 11.15 6.94
CA ASN A 122 21.12 10.39 6.85
C ASN A 122 21.19 9.16 7.76
N PRO A 123 21.56 7.98 7.22
CA PRO A 123 21.75 6.81 8.08
C PRO A 123 22.98 6.96 8.96
N SER A 124 22.92 6.38 10.17
CA SER A 124 24.03 6.34 11.14
C SER A 124 24.64 4.94 11.13
N LEU A 125 25.90 4.84 11.60
CA LEU A 125 26.67 3.61 11.73
C LEU A 125 26.92 3.47 13.20
N GLU A 126 26.13 2.62 13.83
CA GLU A 126 26.24 2.43 15.28
C GLU A 126 27.33 1.43 15.61
N GLU A 127 28.17 1.70 16.61
CA GLU A 127 29.25 0.77 16.96
C GLU A 127 28.69 -0.52 17.62
N SER A 128 27.52 -0.38 18.27
CA SER A 128 26.75 -1.39 18.99
C SER A 128 25.28 -1.13 18.70
N HIS A 129 24.39 -2.11 18.91
CA HIS A 129 22.99 -1.77 18.65
C HIS A 129 22.53 -0.72 19.63
N PRO A 130 21.81 0.34 19.20
CA PRO A 130 21.24 1.26 20.20
C PRO A 130 20.29 0.49 21.15
N LEU A 131 20.06 1.09 22.30
CA LEU A 131 19.21 0.55 23.35
C LEU A 131 17.78 0.87 23.05
N ASN A 132 16.87 0.12 23.70
CA ASN A 132 15.40 0.26 23.63
C ASN A 132 14.80 0.19 22.24
N THR A 133 15.39 -0.60 21.33
CA THR A 133 14.83 -0.79 19.99
C THR A 133 13.67 -1.79 20.12
N PHE A 134 12.83 -1.86 19.09
CA PHE A 134 11.73 -2.83 19.03
C PHE A 134 11.54 -3.53 17.71
N MET A 135 10.98 -4.73 17.76
CA MET A 135 10.77 -5.57 16.57
C MET A 135 9.37 -5.44 16.02
N PHE A 136 9.26 -5.14 14.74
CA PHE A 136 7.96 -5.11 14.07
C PHE A 136 8.11 -5.74 12.68
N GLN A 137 7.41 -6.84 12.47
CA GLN A 137 7.46 -7.60 11.19
C GLN A 137 8.89 -8.07 10.86
N GLY A 138 9.64 -8.37 11.91
CA GLY A 138 11.01 -8.84 11.85
C GLY A 138 12.02 -7.75 11.58
N ASN A 139 11.54 -6.47 11.54
CA ASN A 139 12.38 -5.29 11.37
C ASN A 139 12.62 -4.68 12.73
N ARG A 140 13.83 -4.09 12.93
CA ARG A 140 14.32 -3.51 14.18
C ARG A 140 14.32 -1.99 14.16
N PHE A 141 13.43 -1.41 14.97
CA PHE A 141 13.20 0.03 15.02
C PHE A 141 13.62 0.69 16.30
N ARG A 142 14.14 1.91 16.17
CA ARG A 142 14.56 2.79 17.24
C ARG A 142 13.71 4.03 17.15
N ASN A 143 13.03 4.40 18.23
CA ASN A 143 12.27 5.64 18.31
C ASN A 143 13.02 6.60 19.23
N VAL A 144 13.42 7.78 18.70
CA VAL A 144 14.07 8.82 19.50
C VAL A 144 13.16 10.06 19.40
N ASN A 145 12.24 10.20 20.38
CA ASN A 145 11.27 11.30 20.49
C ASN A 145 10.40 11.55 19.23
N GLY A 146 9.85 10.48 18.65
CA GLY A 146 9.01 10.58 17.45
C GLY A 146 9.74 10.43 16.12
N VAL A 147 11.06 10.15 16.16
CA VAL A 147 11.92 9.96 14.98
C VAL A 147 12.23 8.49 14.94
N LEU A 148 11.81 7.82 13.86
CA LEU A 148 11.99 6.41 13.67
C LEU A 148 13.10 6.11 12.70
N THR A 149 13.96 5.16 13.09
CA THR A 149 15.09 4.69 12.30
C THR A 149 14.94 3.18 12.29
N VAL A 150 15.45 2.51 11.26
CA VAL A 150 15.30 1.05 11.10
C VAL A 150 16.66 0.42 10.87
N TYR A 151 16.87 -0.78 11.46
CA TYR A 151 18.13 -1.50 11.33
C TYR A 151 18.24 -2.01 9.91
N THR A 152 19.18 -1.44 9.14
CA THR A 152 19.38 -1.84 7.75
C THR A 152 20.72 -2.59 7.53
N GLY A 153 20.98 -3.56 8.39
CA GLY A 153 22.15 -4.42 8.28
C GLY A 153 23.47 -3.84 8.76
N THR A 154 24.51 -4.69 8.74
CA THR A 154 25.88 -4.37 9.14
C THR A 154 26.59 -3.73 7.97
N VAL A 155 27.66 -2.99 8.27
CA VAL A 155 28.45 -2.24 7.29
C VAL A 155 29.91 -2.15 7.79
N THR A 156 30.77 -3.05 7.26
CA THR A 156 32.20 -3.14 7.60
C THR A 156 32.99 -1.92 7.12
N VAL A 157 33.49 -1.14 8.06
CA VAL A 157 34.18 0.09 7.72
C VAL A 157 35.51 0.22 8.43
N ASN A 158 36.60 0.14 7.67
CA ASN A 158 37.93 0.13 8.23
C ASN A 158 38.13 -0.98 9.24
N GLY A 159 37.66 -2.19 8.95
CA GLY A 159 37.87 -3.34 9.81
C GLY A 159 36.95 -3.78 10.93
N LYS A 160 35.77 -3.19 11.02
CA LYS A 160 34.88 -3.53 12.10
C LYS A 160 33.40 -3.54 11.72
N THR A 161 32.61 -4.18 12.56
CA THR A 161 31.21 -4.36 12.30
C THR A 161 30.42 -3.25 12.91
N TYR A 162 29.89 -2.39 12.04
CA TYR A 162 28.98 -1.35 12.44
C TYR A 162 27.56 -1.77 12.12
N TYR A 163 26.61 -1.11 12.77
CA TYR A 163 25.18 -1.44 12.60
C TYR A 163 24.49 -0.23 12.05
N GLN A 164 24.03 -0.33 10.80
CA GLN A 164 23.41 0.80 10.15
C GLN A 164 21.95 0.94 10.53
N TYR A 165 21.56 2.17 10.94
CA TYR A 165 20.19 2.56 11.25
C TYR A 165 19.82 3.67 10.27
N THR A 166 18.83 3.39 9.41
CA THR A 166 18.38 4.25 8.33
C THR A 166 17.05 4.90 8.72
N PRO A 167 16.86 6.23 8.48
CA PRO A 167 15.56 6.85 8.80
C PRO A 167 14.37 6.11 8.14
N VAL A 168 13.25 6.01 8.86
CA VAL A 168 12.04 5.37 8.32
C VAL A 168 11.40 6.38 7.36
N SER A 169 11.09 5.96 6.12
CA SER A 169 10.47 6.78 5.09
C SER A 169 9.05 6.28 4.77
N SER A 170 8.50 5.35 5.56
CA SER A 170 7.15 4.82 5.40
C SER A 170 6.10 5.60 6.18
N LYS A 171 5.12 6.14 5.49
CA LYS A 171 3.98 6.85 6.07
C LYS A 171 3.12 5.92 6.93
N ALA A 172 2.82 4.70 6.41
CA ALA A 172 2.05 3.66 7.09
C ALA A 172 2.72 3.30 8.41
N MET A 173 4.07 3.29 8.46
CA MET A 173 4.81 2.99 9.70
C MET A 173 4.61 4.08 10.74
N TYR A 174 4.77 5.36 10.33
CA TYR A 174 4.58 6.53 11.19
C TYR A 174 3.13 6.61 11.64
N ASP A 175 2.18 6.28 10.75
CA ASP A 175 0.74 6.26 11.04
C ASP A 175 0.43 5.27 12.15
N ALA A 176 1.08 4.10 12.13
CA ALA A 176 0.89 3.06 13.15
C ALA A 176 1.42 3.57 14.45
N TYR A 177 2.61 4.20 14.39
CA TYR A 177 3.27 4.82 15.52
C TYR A 177 2.38 5.91 16.12
N TRP A 178 1.99 6.93 15.32
CA TRP A 178 1.17 8.07 15.72
C TRP A 178 -0.17 7.65 16.32
N ASN A 179 -0.77 6.62 15.75
CA ASN A 179 -2.06 6.07 16.18
C ASN A 179 -1.95 5.10 17.39
N GLY A 180 -0.76 5.09 18.01
CA GLY A 180 -0.39 4.39 19.22
C GLY A 180 -0.28 2.89 19.17
N LYS A 181 0.04 2.35 17.98
CA LYS A 181 0.16 0.91 17.77
C LYS A 181 1.49 0.32 18.28
N PHE A 182 2.38 1.17 18.82
CA PHE A 182 3.64 0.74 19.43
C PHE A 182 3.84 1.32 20.83
N ARG A 183 2.77 1.85 21.48
CA ARG A 183 2.87 2.43 22.82
C ARG A 183 3.45 1.48 23.84
N ASP A 184 3.29 0.16 23.58
CA ASP A 184 3.79 -0.91 24.40
C ASP A 184 5.30 -1.12 24.29
N VAL A 185 5.91 -0.78 23.12
CA VAL A 185 7.33 -1.03 22.84
C VAL A 185 8.20 0.18 22.43
N ALA A 186 7.62 1.28 21.97
CA ALA A 186 8.35 2.44 21.42
C ALA A 186 8.79 3.53 22.35
N PHE A 187 8.37 3.46 23.63
CA PHE A 187 8.69 4.52 24.59
C PHE A 187 9.55 4.12 25.79
N HIS A 188 10.32 3.03 25.64
CA HIS A 188 11.17 2.58 26.71
C HIS A 188 12.46 3.36 26.76
N SER A 189 12.98 3.48 27.98
CA SER A 189 14.24 4.11 28.30
C SER A 189 14.89 3.20 29.36
N GLY A 190 16.18 3.38 29.55
CA GLY A 190 16.94 2.54 30.44
C GLY A 190 17.88 1.64 29.67
N PHE A 191 18.69 0.86 30.39
CA PHE A 191 19.66 -0.04 29.78
C PHE A 191 18.98 -1.32 29.40
N ASN A 192 18.39 -1.35 28.18
CA ASN A 192 17.68 -2.49 27.64
C ASN A 192 18.23 -2.78 26.23
N GLU A 193 19.26 -3.60 26.18
CA GLU A 193 19.92 -3.96 24.93
C GLU A 193 19.09 -4.81 23.93
N ASP A 194 18.36 -5.79 24.42
CA ASP A 194 17.62 -6.71 23.59
C ASP A 194 16.34 -6.05 23.16
N PRO A 195 15.96 -6.23 21.90
CA PRO A 195 14.75 -5.61 21.37
C PRO A 195 13.50 -6.18 21.96
N LEU A 196 12.53 -5.35 22.26
CA LEU A 196 11.24 -5.86 22.59
C LEU A 196 10.48 -6.20 21.33
N VAL A 197 9.40 -6.93 21.47
CA VAL A 197 8.66 -7.35 20.32
C VAL A 197 7.29 -6.80 20.40
N ALA A 198 6.86 -6.11 19.36
CA ALA A 198 5.58 -5.44 19.37
C ALA A 198 4.39 -6.40 19.35
N GLU A 199 3.31 -5.98 19.98
CA GLU A 199 2.07 -6.76 20.01
C GLU A 199 1.49 -6.76 18.55
N TYR A 200 1.42 -5.52 17.99
CA TYR A 200 0.91 -5.22 16.66
C TYR A 200 1.94 -5.68 15.67
N GLN A 201 1.50 -6.55 14.76
CA GLN A 201 2.31 -7.11 13.69
C GLN A 201 1.84 -6.75 12.29
N GLY A 202 0.93 -5.79 12.18
CA GLY A 202 0.44 -5.29 10.90
C GLY A 202 -1.03 -5.42 10.72
N GLN A 203 -1.55 -4.89 9.60
CA GLN A 203 -2.98 -5.00 9.27
C GLN A 203 -3.18 -6.40 8.78
N LEU A 204 -4.22 -7.08 9.27
CA LEU A 204 -4.49 -8.46 8.85
C LEU A 204 -4.93 -8.54 7.38
N SER A 205 -4.42 -9.58 6.68
CA SER A 205 -4.76 -9.89 5.30
C SER A 205 -4.64 -11.37 5.09
N TYR A 206 -4.82 -11.79 3.84
CA TYR A 206 -4.76 -13.20 3.50
C TYR A 206 -3.85 -13.42 2.32
N LEU A 207 -3.24 -14.58 2.28
CA LEU A 207 -2.35 -14.97 1.21
C LEU A 207 -3.11 -16.04 0.45
N PRO A 208 -3.23 -15.94 -0.90
CA PRO A 208 -3.89 -17.02 -1.64
C PRO A 208 -3.02 -18.26 -1.58
N GLN A 209 -3.65 -19.43 -1.62
CA GLN A 209 -2.95 -20.72 -1.55
C GLN A 209 -3.31 -21.65 -2.70
N PRO A 210 -2.41 -22.57 -3.14
CA PRO A 210 -1.04 -22.83 -2.66
C PRO A 210 -0.04 -21.83 -3.24
N PRO A 211 1.24 -21.78 -2.81
CA PRO A 211 2.17 -20.84 -3.44
C PRO A 211 2.46 -21.27 -4.87
N VAL A 212 2.68 -20.28 -5.76
CA VAL A 212 2.96 -20.48 -7.19
C VAL A 212 4.22 -21.35 -7.36
N ASN A 213 5.23 -21.15 -6.49
CA ASN A 213 6.52 -21.86 -6.54
C ASN A 213 6.64 -23.10 -5.64
N ALA A 214 5.49 -23.69 -5.23
CA ALA A 214 5.47 -24.89 -4.39
C ALA A 214 6.17 -26.06 -5.11
N PRO A 215 7.05 -26.84 -4.42
CA PRO A 215 7.76 -27.94 -5.12
C PRO A 215 6.91 -29.18 -5.41
N SER B 11 -10.68 5.35 18.79
CA SER B 11 -9.70 4.52 18.12
C SER B 11 -10.21 3.94 16.79
N HIS B 12 -9.34 3.19 16.11
CA HIS B 12 -9.59 2.70 14.76
C HIS B 12 -10.22 1.32 14.78
N ILE B 13 -10.90 0.96 13.69
CA ILE B 13 -11.51 -0.35 13.54
C ILE B 13 -10.87 -1.01 12.32
N GLU B 14 -10.21 -2.12 12.53
CA GLU B 14 -9.62 -2.89 11.46
C GLU B 14 -10.61 -3.99 11.14
N GLY B 15 -11.36 -3.78 10.07
CA GLY B 15 -12.37 -4.75 9.69
C GLY B 15 -13.15 -4.30 8.48
N SER B 16 -14.21 -5.04 8.15
CA SER B 16 -15.05 -4.76 6.99
C SER B 16 -16.32 -4.02 7.38
N PHE B 17 -16.68 -3.03 6.56
CA PHE B 17 -17.90 -2.28 6.68
C PHE B 17 -18.75 -2.44 5.43
N THR B 18 -20.05 -2.68 5.65
CA THR B 18 -21.10 -2.75 4.63
C THR B 18 -21.71 -1.34 4.63
N ASN B 19 -22.56 -1.02 3.62
CA ASN B 19 -23.21 0.30 3.47
C ASN B 19 -22.23 1.48 3.32
N VAL B 20 -21.14 1.19 2.61
CA VAL B 20 -20.06 2.13 2.28
C VAL B 20 -20.41 3.01 1.10
N TRP B 21 -19.65 4.10 0.92
CA TRP B 21 -19.76 4.96 -0.24
C TRP B 21 -18.41 5.59 -0.49
N LYS B 22 -18.17 6.06 -1.73
CA LYS B 22 -16.96 6.75 -2.10
C LYS B 22 -17.31 8.20 -2.31
N ASP B 23 -16.49 9.12 -1.73
CA ASP B 23 -16.67 10.55 -1.91
C ASP B 23 -16.17 10.85 -3.30
N ASP B 24 -16.97 11.57 -4.12
CA ASP B 24 -16.61 11.88 -5.51
C ASP B 24 -15.48 12.90 -5.69
N LYS B 25 -15.07 13.56 -4.60
CA LYS B 25 -14.02 14.58 -4.60
C LYS B 25 -12.69 14.03 -4.11
N THR B 26 -12.69 13.38 -2.94
CA THR B 26 -11.46 12.84 -2.33
C THR B 26 -11.13 11.44 -2.81
N LEU B 27 -12.18 10.70 -3.27
CA LEU B 27 -12.13 9.32 -3.76
C LEU B 27 -11.80 8.35 -2.64
N ASP B 28 -12.09 8.78 -1.41
CA ASP B 28 -11.92 8.02 -0.18
C ASP B 28 -13.22 7.31 0.09
N TRP B 29 -13.15 6.18 0.79
CA TRP B 29 -14.30 5.38 1.18
C TRP B 29 -14.75 5.70 2.59
N TYR B 30 -16.07 5.76 2.79
CA TYR B 30 -16.66 6.13 4.07
C TYR B 30 -17.76 5.21 4.47
N ALA B 31 -18.11 5.31 5.76
CA ALA B 31 -19.16 4.52 6.39
C ALA B 31 -19.66 5.18 7.65
N ASN B 32 -20.84 4.75 8.09
CA ASN B 32 -21.48 5.18 9.33
C ASN B 32 -21.59 3.93 10.20
N TYR B 33 -21.16 4.08 11.47
CA TYR B 33 -21.21 3.03 12.46
C TYR B 33 -21.16 3.66 13.83
N GLU B 34 -22.04 3.18 14.74
CA GLU B 34 -22.14 3.67 16.11
C GLU B 34 -22.26 5.21 16.19
N GLY B 35 -22.96 5.78 15.21
CA GLY B 35 -23.19 7.21 15.10
C GLY B 35 -21.95 8.01 14.76
N ILE B 36 -20.94 7.35 14.17
CA ILE B 36 -19.68 7.96 13.76
C ILE B 36 -19.40 7.75 12.27
N LEU B 37 -18.74 8.73 11.64
CA LEU B 37 -18.31 8.69 10.25
C LEU B 37 -16.86 8.23 10.25
N TRP B 38 -16.57 7.19 9.47
CA TRP B 38 -15.25 6.58 9.39
C TRP B 38 -14.67 6.69 7.98
N LYS B 39 -13.35 6.90 7.91
CA LYS B 39 -12.64 6.98 6.65
C LYS B 39 -11.78 5.72 6.52
N ALA B 40 -11.86 5.05 5.36
CA ALA B 40 -11.09 3.85 5.09
C ALA B 40 -9.64 4.20 4.82
N THR B 41 -8.72 3.78 5.75
CA THR B 41 -7.28 4.00 5.59
C THR B 41 -6.52 2.66 5.49
N GLY B 42 -5.19 2.74 5.41
CA GLY B 42 -4.33 1.57 5.26
C GLY B 42 -4.61 0.92 3.92
N VAL B 43 -4.52 -0.39 3.86
CA VAL B 43 -4.81 -1.15 2.64
C VAL B 43 -6.30 -1.27 2.64
N VAL B 44 -6.94 -0.81 1.57
CA VAL B 44 -8.38 -0.75 1.45
C VAL B 44 -8.76 -1.83 0.43
N VAL B 45 -9.63 -2.72 0.85
CA VAL B 45 -10.08 -3.83 0.06
C VAL B 45 -11.57 -3.80 -0.10
N ILE B 46 -12.00 -3.77 -1.36
CA ILE B 46 -13.38 -3.67 -1.74
C ILE B 46 -13.91 -4.88 -2.55
N THR B 47 -15.16 -5.22 -2.31
CA THR B 47 -15.80 -6.26 -3.07
C THR B 47 -16.16 -5.78 -4.46
N GLY B 48 -16.27 -6.75 -5.35
CA GLY B 48 -16.59 -6.53 -6.75
C GLY B 48 -17.73 -5.59 -6.88
N ASP B 49 -18.75 -5.76 -6.07
CA ASP B 49 -19.92 -4.92 -6.17
C ASP B 49 -19.92 -3.72 -5.27
N GLU B 50 -18.80 -3.51 -4.57
CA GLU B 50 -18.55 -2.36 -3.74
C GLU B 50 -19.53 -2.27 -2.61
N THR B 51 -20.02 -3.39 -2.17
CA THR B 51 -20.96 -3.43 -1.06
C THR B 51 -20.23 -3.36 0.27
N GLN B 52 -19.04 -3.93 0.31
CA GLN B 52 -18.23 -3.97 1.50
C GLN B 52 -16.83 -3.47 1.25
N VAL B 53 -16.26 -2.83 2.25
CA VAL B 53 -14.89 -2.32 2.24
C VAL B 53 -14.17 -2.75 3.52
N TYR B 54 -13.01 -3.34 3.36
CA TYR B 54 -12.09 -3.66 4.42
C TYR B 54 -10.96 -2.67 4.43
N ALA B 55 -10.79 -2.00 5.56
CA ALA B 55 -9.74 -1.05 5.75
C ALA B 55 -9.31 -0.99 7.22
N ILE B 56 -8.50 0.00 7.53
CA ILE B 56 -8.34 0.51 8.83
C ILE B 56 -9.23 1.72 8.90
N TRP B 57 -10.39 1.57 9.49
CA TRP B 57 -11.38 2.61 9.54
C TRP B 57 -11.06 3.62 10.63
N VAL B 58 -10.72 4.83 10.24
CA VAL B 58 -10.37 5.90 11.19
C VAL B 58 -11.61 6.74 11.45
N PRO B 59 -11.98 7.07 12.70
CA PRO B 59 -13.18 7.92 12.91
C PRO B 59 -12.87 9.37 12.52
N VAL B 60 -13.60 9.93 11.54
CA VAL B 60 -13.34 11.30 11.10
C VAL B 60 -14.38 12.36 11.54
N GLY B 61 -15.54 11.91 12.04
CA GLY B 61 -16.61 12.77 12.51
C GLY B 61 -17.89 12.04 12.86
N LEU B 62 -19.00 12.79 13.02
CA LEU B 62 -20.31 12.24 13.34
C LEU B 62 -20.95 11.70 12.07
N ALA B 63 -21.69 10.58 12.18
CA ALA B 63 -22.37 9.88 11.09
C ALA B 63 -23.35 10.76 10.34
N ILE B 64 -23.43 10.54 9.01
CA ILE B 64 -24.33 11.24 8.09
C ILE B 64 -25.15 10.14 7.36
N PRO B 65 -26.47 10.02 7.64
CA PRO B 65 -27.26 8.97 6.95
C PRO B 65 -27.65 9.29 5.50
N GLU B 66 -27.50 10.57 5.05
CA GLU B 66 -27.82 11.03 3.69
C GLU B 66 -26.92 10.40 2.63
N ASN B 67 -25.65 10.15 2.98
CA ASN B 67 -24.69 9.54 2.06
C ASN B 67 -24.79 8.01 1.92
N PRO B 90 -29.54 -8.28 4.01
CA PRO B 90 -28.59 -9.27 3.51
C PRO B 90 -28.14 -10.29 4.57
N GLU B 91 -27.21 -11.19 4.19
CA GLU B 91 -26.62 -12.24 5.03
C GLU B 91 -25.10 -12.28 4.87
N TYR B 92 -24.40 -12.78 5.91
CA TYR B 92 -22.94 -12.86 5.92
C TYR B 92 -22.36 -14.12 6.57
N GLY B 93 -21.27 -14.60 6.01
CA GLY B 93 -20.53 -15.75 6.50
C GLY B 93 -19.47 -15.33 7.49
N ASP B 94 -18.56 -16.24 7.83
CA ASP B 94 -17.49 -16.01 8.79
C ASP B 94 -16.10 -16.28 8.17
N THR B 95 -16.06 -16.43 6.83
CA THR B 95 -14.81 -16.73 6.11
C THR B 95 -14.40 -15.59 5.18
N PRO B 96 -13.09 -15.45 4.84
CA PRO B 96 -12.69 -14.32 3.95
C PRO B 96 -13.31 -14.36 2.57
N ILE B 97 -13.83 -13.21 2.11
CA ILE B 97 -14.40 -13.08 0.75
C ILE B 97 -13.48 -12.36 -0.20
N PRO B 98 -13.36 -12.76 -1.49
CA PRO B 98 -12.44 -12.06 -2.39
C PRO B 98 -12.81 -10.60 -2.64
N GLY B 99 -11.82 -9.78 -2.92
CA GLY B 99 -12.02 -8.37 -3.28
C GLY B 99 -10.83 -7.79 -4.01
N TYR B 100 -10.92 -6.53 -4.39
CA TYR B 100 -9.78 -5.88 -5.01
C TYR B 100 -9.16 -4.82 -4.06
N ILE B 101 -7.85 -4.56 -4.26
CA ILE B 101 -7.11 -3.55 -3.55
C ILE B 101 -7.33 -2.21 -4.28
N TYR B 102 -8.05 -1.30 -3.57
CA TYR B 102 -8.34 0.05 -4.04
C TYR B 102 -7.09 0.89 -3.98
N ILE B 103 -6.81 1.61 -5.09
CA ILE B 103 -5.70 2.52 -5.22
C ILE B 103 -6.27 3.94 -5.16
N ASN B 104 -6.23 4.61 -4.00
CA ASN B 104 -6.73 6.00 -3.96
C ASN B 104 -5.80 6.82 -4.88
N PRO B 105 -6.29 7.37 -6.02
CA PRO B 105 -5.36 8.06 -6.94
C PRO B 105 -4.90 9.45 -6.45
N LEU B 106 -5.35 9.84 -5.26
CA LEU B 106 -5.09 11.12 -4.62
C LEU B 106 -4.40 10.91 -3.26
N ASP B 107 -3.54 9.87 -3.14
CA ASP B 107 -2.86 9.51 -1.90
C ASP B 107 -1.59 10.32 -1.54
N GLY B 108 -1.03 11.03 -2.52
CA GLY B 108 0.16 11.85 -2.31
C GLY B 108 1.50 11.14 -2.29
N THR B 109 1.55 9.86 -2.70
CA THR B 109 2.81 9.09 -2.71
C THR B 109 3.72 9.49 -3.88
N TYR B 110 3.15 10.08 -4.94
CA TYR B 110 3.84 10.58 -6.13
C TYR B 110 3.31 12.03 -6.39
N PRO B 111 3.63 13.01 -5.52
CA PRO B 111 3.06 14.35 -5.67
C PRO B 111 3.38 15.07 -6.98
N PRO B 112 2.37 15.65 -7.67
CA PRO B 112 2.67 16.40 -8.91
C PRO B 112 3.37 17.72 -8.58
N GLY B 113 3.96 18.33 -9.60
CA GLY B 113 4.68 19.60 -9.48
C GLY B 113 5.96 19.51 -8.66
N THR B 114 6.58 18.31 -8.64
CA THR B 114 7.82 18.00 -7.93
C THR B 114 8.87 17.47 -8.93
N GLU B 115 10.11 17.18 -8.44
CA GLU B 115 11.21 16.66 -9.24
C GLU B 115 10.80 15.29 -9.76
N GLN B 116 10.31 14.42 -8.84
CA GLN B 116 9.83 13.07 -9.12
C GLN B 116 8.64 13.06 -10.07
N ASN B 117 7.57 13.85 -9.76
CA ASN B 117 6.40 13.97 -10.61
C ASN B 117 6.34 15.40 -11.19
N PRO B 118 6.83 15.58 -12.44
CA PRO B 118 6.85 16.93 -13.04
C PRO B 118 5.50 17.42 -13.56
N ALA B 119 4.46 16.56 -13.49
CA ALA B 119 3.08 16.86 -13.94
C ALA B 119 2.59 18.17 -13.34
N ASN B 120 1.75 18.91 -14.09
CA ASN B 120 1.16 20.13 -13.58
C ASN B 120 0.33 19.76 -12.33
N PRO B 121 0.61 20.40 -11.17
CA PRO B 121 -0.11 20.00 -9.95
C PRO B 121 -1.49 20.63 -9.76
N ASN B 122 -1.96 21.40 -10.75
CA ASN B 122 -3.24 22.09 -10.65
C ASN B 122 -4.42 21.38 -11.30
N PRO B 123 -5.55 21.21 -10.58
CA PRO B 123 -6.73 20.64 -11.22
C PRO B 123 -7.32 21.60 -12.26
N SER B 124 -7.88 21.03 -13.34
CA SER B 124 -8.55 21.78 -14.40
C SER B 124 -10.05 21.60 -14.22
N LEU B 125 -10.84 22.59 -14.67
CA LEU B 125 -12.29 22.53 -14.71
C LEU B 125 -12.61 22.41 -16.20
N GLU B 126 -12.98 21.21 -16.65
CA GLU B 126 -13.29 20.96 -18.06
C GLU B 126 -14.75 21.35 -18.35
N GLU B 127 -15.01 21.91 -19.51
CA GLU B 127 -16.37 22.28 -19.94
C GLU B 127 -17.18 21.01 -20.28
N SER B 128 -16.46 19.93 -20.60
CA SER B 128 -17.01 18.64 -20.97
C SER B 128 -16.01 17.57 -20.53
N HIS B 129 -16.46 16.34 -20.29
CA HIS B 129 -15.50 15.31 -19.94
C HIS B 129 -14.56 15.16 -21.15
N PRO B 130 -13.24 15.09 -20.92
CA PRO B 130 -12.32 14.91 -22.07
C PRO B 130 -12.56 13.55 -22.70
N LEU B 131 -12.36 13.45 -24.02
CA LEU B 131 -12.58 12.20 -24.76
C LEU B 131 -11.54 11.15 -24.38
N ASN B 132 -11.87 9.85 -24.60
CA ASN B 132 -10.97 8.70 -24.38
C ASN B 132 -10.48 8.47 -22.94
N THR B 133 -11.31 8.76 -21.95
CA THR B 133 -11.00 8.45 -20.56
C THR B 133 -11.29 6.98 -20.33
N PHE B 134 -10.73 6.42 -19.26
CA PHE B 134 -11.01 5.04 -18.88
C PHE B 134 -11.39 4.84 -17.41
N MET B 135 -12.17 3.82 -17.14
CA MET B 135 -12.58 3.51 -15.79
C MET B 135 -11.67 2.48 -15.09
N PHE B 136 -11.20 2.82 -13.91
CA PHE B 136 -10.45 1.91 -13.05
C PHE B 136 -10.96 2.02 -11.61
N GLN B 137 -11.52 0.93 -11.09
CA GLN B 137 -12.05 0.86 -9.70
C GLN B 137 -13.13 1.93 -9.45
N GLY B 138 -13.91 2.21 -10.50
CA GLY B 138 -14.99 3.17 -10.48
C GLY B 138 -14.54 4.61 -10.59
N ASN B 139 -13.23 4.81 -10.79
CA ASN B 139 -12.61 6.13 -10.94
C ASN B 139 -12.35 6.38 -12.40
N ARG B 140 -12.50 7.65 -12.86
CA ARG B 140 -12.40 8.08 -14.26
C ARG B 140 -11.09 8.81 -14.56
N PHE B 141 -10.22 8.14 -15.35
CA PHE B 141 -8.88 8.62 -15.67
C PHE B 141 -8.68 9.03 -17.08
N ARG B 142 -7.90 10.09 -17.25
CA ARG B 142 -7.47 10.64 -18.53
C ARG B 142 -5.95 10.53 -18.56
N ASN B 143 -5.41 9.93 -19.60
CA ASN B 143 -3.97 9.85 -19.79
C ASN B 143 -3.60 10.77 -20.96
N VAL B 144 -2.74 11.77 -20.71
CA VAL B 144 -2.25 12.66 -21.77
C VAL B 144 -0.72 12.49 -21.81
N ASN B 145 -0.24 11.55 -22.67
CA ASN B 145 1.18 11.22 -22.86
C ASN B 145 1.96 10.86 -21.56
N GLY B 146 1.36 9.99 -20.74
CA GLY B 146 1.98 9.56 -19.48
C GLY B 146 1.64 10.40 -18.26
N VAL B 147 0.74 11.39 -18.40
CA VAL B 147 0.27 12.28 -17.33
C VAL B 147 -1.14 11.87 -17.05
N LEU B 148 -1.39 11.43 -15.83
CA LEU B 148 -2.69 10.94 -15.41
C LEU B 148 -3.42 11.95 -14.54
N THR B 149 -4.68 12.15 -14.86
CA THR B 149 -5.58 13.06 -14.13
C THR B 149 -6.80 12.21 -13.84
N VAL B 150 -7.52 12.54 -12.78
CA VAL B 150 -8.67 11.75 -12.33
C VAL B 150 -9.87 12.65 -12.16
N TYR B 151 -11.06 12.15 -12.50
CA TYR B 151 -12.29 12.92 -12.40
C TYR B 151 -12.67 13.05 -10.94
N THR B 152 -12.67 14.31 -10.51
CA THR B 152 -12.99 14.66 -9.14
C THR B 152 -14.29 15.45 -8.97
N GLY B 153 -15.27 15.17 -9.81
CA GLY B 153 -16.59 15.76 -9.63
C GLY B 153 -16.93 17.00 -10.40
N THR B 154 -18.20 17.35 -10.36
CA THR B 154 -18.69 18.52 -11.06
C THR B 154 -18.60 19.72 -10.16
N VAL B 155 -18.98 20.86 -10.70
CA VAL B 155 -19.17 22.15 -10.08
C VAL B 155 -19.92 23.01 -11.12
N THR B 156 -21.10 23.52 -10.74
CA THR B 156 -21.88 24.34 -11.66
C THR B 156 -21.86 25.81 -11.26
N VAL B 157 -21.21 26.66 -12.08
CA VAL B 157 -21.10 28.12 -11.90
C VAL B 157 -21.98 28.85 -12.95
N ASN B 158 -23.02 29.59 -12.47
CA ASN B 158 -23.99 30.34 -13.29
C ASN B 158 -24.61 29.52 -14.47
N GLY B 159 -25.11 28.32 -14.16
CA GLY B 159 -25.72 27.44 -15.15
C GLY B 159 -24.71 26.75 -16.06
N LYS B 160 -23.41 26.94 -15.80
CA LYS B 160 -22.34 26.30 -16.56
C LYS B 160 -21.69 25.21 -15.74
N THR B 161 -21.85 23.96 -16.21
CA THR B 161 -21.28 22.79 -15.60
C THR B 161 -19.83 22.57 -16.04
N TYR B 162 -19.00 22.30 -15.07
CA TYR B 162 -17.57 22.05 -15.24
C TYR B 162 -17.32 20.71 -14.58
N TYR B 163 -16.33 19.99 -15.09
CA TYR B 163 -15.92 18.67 -14.67
C TYR B 163 -14.48 18.78 -14.25
N GLN B 164 -14.23 18.60 -12.93
CA GLN B 164 -12.90 18.74 -12.40
C GLN B 164 -12.06 17.50 -12.61
N TYR B 165 -10.85 17.67 -13.18
CA TYR B 165 -9.85 16.62 -13.39
C TYR B 165 -8.62 17.04 -12.58
N THR B 166 -8.31 16.23 -11.55
CA THR B 166 -7.23 16.46 -10.61
C THR B 166 -6.02 15.58 -10.95
N PRO B 167 -4.77 16.10 -10.93
CA PRO B 167 -3.61 15.23 -11.20
C PRO B 167 -3.56 14.01 -10.29
N VAL B 168 -3.14 12.85 -10.82
CA VAL B 168 -3.01 11.63 -10.01
C VAL B 168 -1.71 11.77 -9.18
N SER B 169 -1.80 11.52 -7.87
CA SER B 169 -0.69 11.61 -6.93
C SER B 169 -0.31 10.24 -6.33
N SER B 170 -0.89 9.16 -6.90
CA SER B 170 -0.64 7.79 -6.45
C SER B 170 0.47 7.12 -7.25
N LYS B 171 1.53 6.70 -6.56
CA LYS B 171 2.65 5.94 -7.13
C LYS B 171 2.19 4.58 -7.67
N ALA B 172 1.35 3.84 -6.88
CA ALA B 172 0.78 2.54 -7.26
C ALA B 172 -0.02 2.67 -8.54
N MET B 173 -0.74 3.81 -8.75
CA MET B 173 -1.50 4.04 -9.97
C MET B 173 -0.58 4.15 -11.18
N TYR B 174 0.48 4.98 -11.05
CA TYR B 174 1.47 5.21 -12.10
C TYR B 174 2.24 3.92 -12.39
N ASP B 175 2.54 3.14 -11.32
CA ASP B 175 3.22 1.85 -11.43
C ASP B 175 2.41 0.87 -12.26
N ALA B 176 1.07 0.83 -12.07
CA ALA B 176 0.18 -0.04 -12.81
C ALA B 176 0.19 0.40 -14.26
N TYR B 177 0.13 1.73 -14.48
CA TYR B 177 0.19 2.35 -15.80
C TYR B 177 1.52 1.99 -16.50
N TRP B 178 2.67 2.33 -15.88
CA TRP B 178 4.02 2.06 -16.38
C TRP B 178 4.28 0.61 -16.71
N ASN B 179 3.83 -0.35 -15.88
CA ASN B 179 4.03 -1.76 -16.23
C ASN B 179 3.34 -2.01 -17.58
N GLY B 180 2.11 -1.54 -17.67
CA GLY B 180 1.27 -1.71 -18.85
C GLY B 180 -0.06 -2.34 -18.49
N LYS B 181 -0.58 -2.08 -17.28
CA LYS B 181 -1.86 -2.66 -16.85
C LYS B 181 -3.07 -1.99 -17.54
N PHE B 182 -2.83 -0.82 -18.20
CA PHE B 182 -3.88 -0.08 -18.87
C PHE B 182 -3.65 0.06 -20.37
N ARG B 183 -2.72 -0.75 -20.92
CA ARG B 183 -2.37 -0.76 -22.34
C ARG B 183 -3.62 -0.89 -23.23
N ASP B 184 -4.66 -1.57 -22.70
CA ASP B 184 -5.94 -1.82 -23.38
C ASP B 184 -6.88 -0.61 -23.42
N VAL B 185 -6.77 0.32 -22.43
CA VAL B 185 -7.69 1.46 -22.29
C VAL B 185 -7.09 2.85 -22.25
N ALA B 186 -5.81 2.98 -21.85
CA ALA B 186 -5.11 4.25 -21.64
C ALA B 186 -4.55 4.98 -22.86
N PHE B 187 -4.61 4.42 -24.09
CA PHE B 187 -3.99 5.02 -25.27
C PHE B 187 -4.92 5.26 -26.48
N HIS B 188 -6.22 5.33 -26.24
CA HIS B 188 -7.18 5.57 -27.31
C HIS B 188 -7.23 7.03 -27.75
N SER B 189 -7.58 7.20 -29.01
CA SER B 189 -7.79 8.47 -29.70
C SER B 189 -9.06 8.32 -30.55
N GLY B 190 -9.62 9.44 -30.95
CA GLY B 190 -10.86 9.47 -31.69
C GLY B 190 -12.00 9.99 -30.85
N PHE B 191 -13.17 10.13 -31.46
CA PHE B 191 -14.38 10.61 -30.81
C PHE B 191 -15.03 9.50 -30.02
N ASN B 192 -14.57 9.30 -28.78
CA ASN B 192 -15.04 8.28 -27.87
C ASN B 192 -15.39 8.93 -26.52
N GLU B 193 -16.65 9.28 -26.40
CA GLU B 193 -17.18 10.00 -25.27
C GLU B 193 -17.22 9.16 -24.01
N ASP B 194 -17.93 8.05 -24.09
CA ASP B 194 -18.07 7.19 -22.96
C ASP B 194 -16.72 6.57 -22.65
N PRO B 195 -16.43 6.43 -21.37
CA PRO B 195 -15.17 5.90 -20.91
C PRO B 195 -15.10 4.37 -20.96
N LEU B 196 -13.96 3.87 -21.39
CA LEU B 196 -13.70 2.44 -21.42
C LEU B 196 -13.42 1.86 -20.04
N VAL B 197 -13.86 0.66 -19.80
CA VAL B 197 -13.60 0.00 -18.55
C VAL B 197 -12.36 -0.86 -18.66
N ALA B 198 -11.34 -0.58 -17.85
CA ALA B 198 -10.09 -1.34 -17.77
C ALA B 198 -10.32 -2.80 -17.40
N GLU B 199 -9.53 -3.72 -18.01
CA GLU B 199 -9.59 -5.16 -17.77
C GLU B 199 -9.13 -5.37 -16.30
N TYR B 200 -7.97 -4.76 -15.97
CA TYR B 200 -7.33 -4.75 -14.65
C TYR B 200 -8.13 -3.89 -13.73
N GLN B 201 -8.57 -4.49 -12.64
CA GLN B 201 -9.33 -3.82 -11.58
C GLN B 201 -8.65 -3.76 -10.23
N GLY B 202 -7.36 -4.08 -10.20
CA GLY B 202 -6.56 -4.03 -9.00
C GLY B 202 -5.97 -5.38 -8.59
N GLN B 203 -5.15 -5.36 -7.56
CA GLN B 203 -4.53 -6.55 -7.02
C GLN B 203 -5.60 -7.26 -6.19
N LEU B 204 -5.68 -8.57 -6.30
CA LEU B 204 -6.63 -9.33 -5.51
C LEU B 204 -6.21 -9.39 -3.99
N SER B 205 -7.20 -9.30 -3.09
CA SER B 205 -7.10 -9.49 -1.68
C SER B 205 -8.39 -10.05 -1.10
N TYR B 206 -8.48 -10.13 0.24
CA TYR B 206 -9.67 -10.71 0.89
C TYR B 206 -10.15 -9.80 1.95
N LEU B 207 -11.45 -9.87 2.23
CA LEU B 207 -12.10 -9.07 3.23
C LEU B 207 -12.49 -10.05 4.32
N PRO B 208 -12.17 -9.79 5.60
CA PRO B 208 -12.62 -10.69 6.66
C PRO B 208 -14.13 -10.56 6.80
N GLN B 209 -14.79 -11.63 7.23
CA GLN B 209 -16.25 -11.67 7.37
C GLN B 209 -16.68 -12.16 8.74
N PRO B 210 -17.85 -11.73 9.27
CA PRO B 210 -18.84 -10.80 8.68
C PRO B 210 -18.44 -9.33 8.87
N PRO B 211 -19.12 -8.32 8.29
CA PRO B 211 -18.72 -6.92 8.54
C PRO B 211 -19.03 -6.54 9.99
N VAL B 212 -18.19 -5.65 10.55
CA VAL B 212 -18.29 -5.15 11.93
C VAL B 212 -19.66 -4.46 12.13
N ASN B 213 -20.13 -3.71 11.10
CA ASN B 213 -21.38 -2.96 11.15
C ASN B 213 -22.62 -3.67 10.60
N ALA B 214 -22.58 -5.02 10.52
CA ALA B 214 -23.70 -5.83 10.05
C ALA B 214 -24.94 -5.61 10.95
N PRO B 215 -26.16 -5.42 10.37
CA PRO B 215 -27.35 -5.18 11.22
C PRO B 215 -27.90 -6.41 11.93
#